data_1YZ3
#
_entry.id   1YZ3
#
_cell.length_a   93.900
_cell.length_b   93.900
_cell.length_c   188.300
_cell.angle_alpha   90.00
_cell.angle_beta   90.00
_cell.angle_gamma   90.00
#
_symmetry.space_group_name_H-M   'P 43 21 2'
#
loop_
_entity.id
_entity.type
_entity.pdbx_description
1 polymer 'Phenylethanolamine N-methyltransferase'
2 non-polymer 7,8-DICHLORO-1,2,3,4-TETRAHYDROISOQUINOLINE
3 non-polymer S-ADENOSYL-L-HOMOCYSTEINE
4 water water
#
_entity_poly.entity_id   1
_entity_poly.type   'polypeptide(L)'
_entity_poly.pdbx_seq_one_letter_code
;MSGADRSPNAGAAPDSAPGQAAVASAYQRFEPRAYLRNNYAPPRGDLCNPNGVGPWKLRCLAQTFATGEVSGRTLIDIGS
GPTVYQLLSACSHFEDITMTDFLEVNRQELGRWLQEEPGAFNWSMYSQHACLIEGKGECWQDKERQLRARVKRVLPIDVH
QPQPLGAGSPAPLPADALVSAFCLEAVSPDLASFQRALDHITTLLRPGGHLLLIGALEESWYLAGEARLTVVPVSEEEVR
EALVRSGYKVRDLRTYIMPAHLQTGVDDVKGVFFAWAQKVGLEHHHHHH
;
_entity_poly.pdbx_strand_id   A,B
#
# COMPACT_ATOMS: atom_id res chain seq x y z
N PRO A 18 -19.12 15.17 -16.72
CA PRO A 18 -19.83 15.22 -18.03
C PRO A 18 -18.82 15.40 -19.16
N GLY A 19 -19.27 15.23 -20.40
CA GLY A 19 -18.37 15.35 -21.53
C GLY A 19 -17.38 14.21 -21.43
N GLN A 20 -17.51 13.47 -20.34
CA GLN A 20 -16.67 12.30 -20.03
C GLN A 20 -16.40 11.48 -21.27
N ALA A 21 -17.46 11.24 -22.04
CA ALA A 21 -17.44 10.45 -23.28
C ALA A 21 -16.27 10.65 -24.24
N ALA A 22 -15.23 11.37 -23.83
CA ALA A 22 -14.07 11.56 -24.69
C ALA A 22 -13.38 10.19 -24.68
N VAL A 23 -13.58 9.47 -23.58
CA VAL A 23 -13.03 8.13 -23.39
C VAL A 23 -13.71 7.15 -24.34
N ALA A 24 -15.04 7.20 -24.35
CA ALA A 24 -15.84 6.32 -25.20
C ALA A 24 -15.28 6.22 -26.62
N SER A 25 -14.92 7.37 -27.19
CA SER A 25 -14.38 7.42 -28.55
C SER A 25 -13.02 6.74 -28.66
N ALA A 26 -12.19 6.94 -27.65
CA ALA A 26 -10.86 6.35 -27.61
C ALA A 26 -10.94 4.83 -27.60
N TYR A 27 -11.85 4.29 -26.80
CA TYR A 27 -12.02 2.85 -26.70
C TYR A 27 -12.56 2.17 -27.94
N GLN A 28 -12.88 2.96 -28.96
CA GLN A 28 -13.39 2.39 -30.20
C GLN A 28 -12.22 1.85 -31.01
N ARG A 29 -11.01 2.19 -30.57
CA ARG A 29 -9.82 1.72 -31.26
C ARG A 29 -9.10 0.68 -30.41
N PHE A 30 -9.68 0.40 -29.25
CA PHE A 30 -9.13 -0.58 -28.30
C PHE A 30 -9.07 -1.95 -28.96
N GLU A 31 -7.87 -2.49 -29.15
CA GLU A 31 -7.69 -3.81 -29.76
C GLU A 31 -7.43 -4.84 -28.65
N PRO A 32 -8.39 -5.75 -28.42
CA PRO A 32 -8.25 -6.78 -27.38
C PRO A 32 -6.95 -7.58 -27.45
N ARG A 33 -6.52 -7.95 -28.67
CA ARG A 33 -5.30 -8.73 -28.84
C ARG A 33 -4.02 -8.01 -28.41
N ALA A 34 -3.93 -6.73 -28.73
CA ALA A 34 -2.75 -5.96 -28.35
C ALA A 34 -2.77 -5.72 -26.83
N TYR A 35 -3.98 -5.60 -26.28
CA TYR A 35 -4.13 -5.39 -24.85
C TYR A 35 -3.65 -6.64 -24.10
N LEU A 36 -4.06 -7.81 -24.59
CA LEU A 36 -3.69 -9.08 -23.99
C LEU A 36 -2.18 -9.28 -24.08
N ARG A 37 -1.64 -8.94 -25.25
CA ARG A 37 -0.23 -9.06 -25.53
C ARG A 37 0.63 -8.07 -24.70
N ASN A 38 0.10 -6.86 -24.46
CA ASN A 38 0.84 -5.87 -23.67
C ASN A 38 0.81 -6.15 -22.18
N ASN A 39 -0.23 -6.82 -21.70
CA ASN A 39 -0.35 -7.04 -20.26
C ASN A 39 -0.37 -8.45 -19.73
N TYR A 40 -0.68 -9.43 -20.58
CA TYR A 40 -0.73 -10.79 -20.10
C TYR A 40 0.14 -11.75 -20.86
N ALA A 41 1.16 -11.22 -21.51
CA ALA A 41 2.15 -12.02 -22.23
C ALA A 41 3.46 -11.57 -21.60
N PRO A 42 4.54 -12.35 -21.74
CA PRO A 42 5.80 -11.90 -21.13
C PRO A 42 6.20 -10.46 -21.51
N PRO A 43 6.90 -9.76 -20.60
CA PRO A 43 7.33 -10.21 -19.26
C PRO A 43 6.24 -10.20 -18.17
N ARG A 44 5.26 -9.32 -18.27
CA ARG A 44 4.20 -9.26 -17.26
C ARG A 44 3.39 -10.56 -17.19
N GLY A 45 3.34 -11.28 -18.31
CA GLY A 45 2.60 -12.53 -18.37
C GLY A 45 3.38 -13.76 -17.95
N ASP A 46 4.60 -13.54 -17.45
CA ASP A 46 5.41 -14.67 -16.98
C ASP A 46 5.18 -14.82 -15.49
N LEU A 47 4.56 -15.93 -15.13
CA LEU A 47 4.24 -16.19 -13.73
C LEU A 47 5.31 -16.97 -12.98
N CYS A 48 6.45 -17.21 -13.63
CA CYS A 48 7.54 -17.93 -12.97
C CYS A 48 8.19 -17.10 -11.86
N ASN A 49 8.25 -15.79 -12.05
CA ASN A 49 8.83 -14.90 -11.04
C ASN A 49 7.75 -14.64 -9.98
N PRO A 50 8.01 -15.03 -8.72
CA PRO A 50 6.99 -14.79 -7.71
C PRO A 50 6.80 -13.32 -7.37
N ASN A 51 7.74 -12.47 -7.76
CA ASN A 51 7.65 -11.05 -7.48
C ASN A 51 7.01 -10.26 -8.61
N GLY A 52 6.59 -10.94 -9.67
CA GLY A 52 5.96 -10.26 -10.78
C GLY A 52 4.53 -9.84 -10.43
N VAL A 53 3.93 -9.03 -11.27
CA VAL A 53 2.57 -8.55 -11.03
C VAL A 53 1.52 -9.65 -11.20
N GLY A 54 1.71 -10.55 -12.17
CA GLY A 54 0.76 -11.64 -12.37
C GLY A 54 0.56 -12.42 -11.09
N PRO A 55 1.64 -12.98 -10.54
CA PRO A 55 1.56 -13.74 -9.28
C PRO A 55 0.95 -12.91 -8.15
N TRP A 56 1.41 -11.68 -7.99
CA TRP A 56 0.90 -10.79 -6.93
C TRP A 56 -0.62 -10.64 -6.97
N LYS A 57 -1.15 -10.35 -8.16
CA LYS A 57 -2.60 -10.20 -8.29
C LYS A 57 -3.34 -11.47 -7.90
N LEU A 58 -2.88 -12.61 -8.40
CA LEU A 58 -3.52 -13.89 -8.09
C LEU A 58 -3.51 -14.22 -6.59
N ARG A 59 -2.40 -13.92 -5.91
CA ARG A 59 -2.31 -14.17 -4.47
C ARG A 59 -3.34 -13.31 -3.78
N CYS A 60 -3.44 -12.04 -4.17
CA CYS A 60 -4.40 -11.12 -3.56
C CYS A 60 -5.82 -11.70 -3.61
N LEU A 61 -6.22 -12.15 -4.79
CA LEU A 61 -7.56 -12.71 -4.95
C LEU A 61 -7.72 -14.03 -4.21
N ALA A 62 -6.77 -14.94 -4.40
CA ALA A 62 -6.81 -16.26 -3.77
C ALA A 62 -6.85 -16.21 -2.24
N GLN A 63 -6.04 -15.34 -1.65
CA GLN A 63 -6.01 -15.23 -0.19
C GLN A 63 -7.31 -14.68 0.38
N THR A 64 -7.87 -13.69 -0.31
CA THR A 64 -9.13 -13.10 0.13
C THR A 64 -10.20 -14.18 0.17
N PHE A 65 -10.48 -14.80 -0.97
CA PHE A 65 -11.48 -15.87 -1.03
C PHE A 65 -11.13 -17.05 -0.14
N ALA A 66 -9.87 -17.15 0.27
CA ALA A 66 -9.46 -18.26 1.12
C ALA A 66 -9.94 -18.07 2.55
N THR A 67 -10.20 -16.84 2.93
CA THR A 67 -10.68 -16.54 4.29
C THR A 67 -12.09 -17.09 4.48
N GLY A 68 -12.80 -17.28 3.37
CA GLY A 68 -14.15 -17.81 3.44
C GLY A 68 -15.23 -16.83 3.83
N GLU A 69 -14.93 -15.54 3.76
CA GLU A 69 -15.91 -14.52 4.13
C GLU A 69 -16.61 -13.96 2.90
N VAL A 70 -16.09 -14.28 1.73
CA VAL A 70 -16.70 -13.81 0.50
C VAL A 70 -17.38 -15.01 -0.15
N SER A 71 -18.70 -15.10 0.05
CA SER A 71 -19.47 -16.22 -0.49
C SER A 71 -20.90 -15.83 -0.83
N GLY A 72 -21.55 -16.68 -1.63
CA GLY A 72 -22.92 -16.44 -2.03
C GLY A 72 -23.22 -17.12 -3.35
N ARG A 73 -24.28 -16.63 -3.98
N ARG A 73 -24.28 -16.69 -4.04
CA ARG A 73 -24.70 -17.10 -5.29
CA ARG A 73 -24.65 -17.31 -5.30
C ARG A 73 -24.68 -15.76 -6.01
C ARG A 73 -24.33 -16.55 -6.60
N THR A 74 -24.35 -15.76 -7.29
N THR A 74 -24.49 -15.23 -6.57
CA THR A 74 -24.28 -14.52 -8.07
CA THR A 74 -24.24 -14.41 -7.76
C THR A 74 -23.08 -13.64 -7.71
C THR A 74 -23.00 -13.54 -7.63
N LEU A 75 -22.33 -13.28 -8.75
CA LEU A 75 -21.15 -12.43 -8.69
C LEU A 75 -21.06 -11.72 -10.03
N ILE A 76 -20.74 -10.44 -10.00
CA ILE A 76 -20.61 -9.67 -11.23
C ILE A 76 -19.21 -9.10 -11.38
N ASP A 77 -18.67 -9.23 -12.59
CA ASP A 77 -17.33 -8.73 -12.88
C ASP A 77 -17.46 -7.49 -13.76
N ILE A 78 -17.20 -6.33 -13.17
CA ILE A 78 -17.30 -5.04 -13.85
C ILE A 78 -16.12 -4.75 -14.79
N GLY A 79 -16.40 -4.53 -16.07
CA GLY A 79 -15.36 -4.23 -17.04
C GLY A 79 -14.31 -5.32 -17.18
N SER A 80 -14.79 -6.53 -17.49
CA SER A 80 -13.94 -7.70 -17.63
C SER A 80 -12.95 -7.59 -18.78
N GLY A 81 -13.28 -6.78 -19.77
CA GLY A 81 -12.40 -6.66 -20.91
C GLY A 81 -12.30 -8.05 -21.51
N PRO A 82 -11.13 -8.44 -22.05
CA PRO A 82 -11.01 -9.78 -22.63
C PRO A 82 -10.27 -10.75 -21.71
N THR A 83 -10.27 -10.46 -20.40
CA THR A 83 -9.55 -11.29 -19.45
C THR A 83 -10.42 -12.08 -18.45
N VAL A 84 -9.92 -13.23 -18.01
CA VAL A 84 -10.65 -14.07 -17.07
C VAL A 84 -9.88 -14.37 -15.79
N TYR A 85 -8.57 -14.10 -15.79
CA TYR A 85 -7.73 -14.38 -14.64
C TYR A 85 -8.32 -13.87 -13.31
N GLN A 86 -8.98 -12.72 -13.35
CA GLN A 86 -9.55 -12.12 -12.16
C GLN A 86 -10.69 -12.93 -11.53
N LEU A 87 -11.08 -14.02 -12.18
CA LEU A 87 -12.16 -14.86 -11.67
C LEU A 87 -11.73 -16.30 -11.36
N LEU A 88 -10.46 -16.63 -11.62
CA LEU A 88 -9.97 -17.99 -11.40
C LEU A 88 -10.20 -18.50 -9.98
N SER A 89 -9.84 -17.72 -8.97
CA SER A 89 -10.06 -18.14 -7.58
C SER A 89 -11.53 -17.96 -7.21
N ALA A 90 -12.14 -16.91 -7.75
CA ALA A 90 -13.52 -16.58 -7.44
C ALA A 90 -14.56 -17.59 -7.90
N CYS A 91 -14.37 -18.17 -9.08
CA CYS A 91 -15.35 -19.11 -9.62
C CYS A 91 -15.68 -20.34 -8.76
N SER A 92 -14.95 -20.55 -7.67
CA SER A 92 -15.25 -21.69 -6.82
C SER A 92 -16.03 -21.29 -5.57
N HIS A 93 -16.63 -20.10 -5.59
CA HIS A 93 -17.41 -19.60 -4.47
C HIS A 93 -18.75 -19.04 -4.93
N PHE A 94 -18.92 -18.91 -6.25
CA PHE A 94 -20.15 -18.39 -6.82
C PHE A 94 -20.61 -19.21 -8.02
N GLU A 95 -21.82 -19.73 -7.92
CA GLU A 95 -22.40 -20.58 -8.97
C GLU A 95 -22.97 -19.83 -10.15
N ASP A 96 -23.26 -18.54 -9.96
CA ASP A 96 -23.79 -17.70 -11.04
C ASP A 96 -22.86 -16.49 -11.22
N ILE A 97 -22.08 -16.51 -12.29
CA ILE A 97 -21.13 -15.44 -12.56
C ILE A 97 -21.52 -14.66 -13.81
N THR A 98 -21.62 -13.35 -13.68
CA THR A 98 -21.96 -12.50 -14.81
C THR A 98 -20.78 -11.58 -15.13
N MET A 99 -20.22 -11.75 -16.32
CA MET A 99 -19.10 -10.93 -16.74
C MET A 99 -19.67 -9.80 -17.57
N THR A 100 -18.95 -8.68 -17.62
CA THR A 100 -19.44 -7.52 -18.36
C THR A 100 -18.34 -6.69 -19.01
N ASP A 101 -18.75 -5.87 -19.97
CA ASP A 101 -17.84 -4.96 -20.64
C ASP A 101 -18.51 -4.07 -21.68
N PHE A 102 -17.96 -2.86 -21.79
CA PHE A 102 -18.42 -1.83 -22.70
C PHE A 102 -18.35 -2.21 -24.17
N LEU A 103 -17.18 -2.68 -24.62
CA LEU A 103 -16.99 -3.03 -26.03
C LEU A 103 -17.49 -4.40 -26.45
N GLU A 104 -18.08 -4.47 -27.64
CA GLU A 104 -18.58 -5.74 -28.18
C GLU A 104 -17.39 -6.60 -28.58
N VAL A 105 -16.30 -5.98 -29.01
CA VAL A 105 -15.10 -6.72 -29.40
C VAL A 105 -14.57 -7.55 -28.22
N ASN A 106 -14.56 -6.95 -27.03
CA ASN A 106 -14.08 -7.63 -25.84
C ASN A 106 -15.00 -8.80 -25.49
N ARG A 107 -16.30 -8.56 -25.52
CA ARG A 107 -17.28 -9.59 -25.21
C ARG A 107 -17.14 -10.77 -26.17
N GLN A 108 -16.70 -10.49 -27.39
CA GLN A 108 -16.52 -11.55 -28.37
C GLN A 108 -15.25 -12.33 -28.06
N GLU A 109 -14.23 -11.64 -27.54
CA GLU A 109 -12.97 -12.31 -27.19
C GLU A 109 -13.26 -13.20 -25.99
N LEU A 110 -14.03 -12.70 -25.03
CA LEU A 110 -14.41 -13.49 -23.85
C LEU A 110 -15.15 -14.75 -24.31
N GLY A 111 -16.00 -14.59 -25.32
CA GLY A 111 -16.77 -15.70 -25.84
C GLY A 111 -15.86 -16.72 -26.50
N ARG A 112 -14.85 -16.24 -27.20
CA ARG A 112 -13.93 -17.14 -27.88
C ARG A 112 -13.21 -18.07 -26.88
N TRP A 113 -13.02 -17.59 -25.65
CA TRP A 113 -12.36 -18.42 -24.64
C TRP A 113 -13.36 -19.30 -23.94
N LEU A 114 -14.53 -18.74 -23.61
CA LEU A 114 -15.57 -19.49 -22.94
C LEU A 114 -16.09 -20.65 -23.82
N GLN A 115 -16.29 -20.40 -25.10
CA GLN A 115 -16.79 -21.43 -26.01
C GLN A 115 -15.65 -22.28 -26.57
N GLU A 116 -14.44 -22.02 -26.12
CA GLU A 116 -13.26 -22.74 -26.58
C GLU A 116 -13.21 -22.75 -28.10
N GLU A 117 -13.29 -21.56 -28.69
CA GLU A 117 -13.25 -21.41 -30.14
C GLU A 117 -11.83 -21.17 -30.63
N PRO A 118 -11.62 -21.17 -31.95
CA PRO A 118 -10.28 -20.94 -32.49
C PRO A 118 -9.83 -19.50 -32.20
N GLY A 119 -8.53 -19.30 -32.08
CA GLY A 119 -8.00 -17.97 -31.82
C GLY A 119 -8.36 -17.40 -30.46
N ALA A 120 -8.70 -18.26 -29.50
CA ALA A 120 -9.01 -17.79 -28.15
C ALA A 120 -7.69 -17.63 -27.40
N PHE A 121 -7.67 -16.75 -26.42
CA PHE A 121 -6.45 -16.52 -25.65
C PHE A 121 -6.12 -17.68 -24.70
N ASN A 122 -4.84 -18.02 -24.60
CA ASN A 122 -4.40 -19.09 -23.72
C ASN A 122 -4.12 -18.60 -22.30
N TRP A 123 -5.07 -18.84 -21.41
CA TRP A 123 -4.96 -18.44 -20.00
C TRP A 123 -4.43 -19.55 -19.08
N SER A 124 -4.02 -20.68 -19.68
CA SER A 124 -3.54 -21.81 -18.90
C SER A 124 -2.45 -21.50 -17.87
N MET A 125 -1.48 -20.64 -18.21
CA MET A 125 -0.42 -20.30 -17.26
C MET A 125 -1.03 -19.72 -15.98
N TYR A 126 -1.99 -18.82 -16.14
CA TYR A 126 -2.66 -18.18 -15.01
C TYR A 126 -3.52 -19.17 -14.21
N SER A 127 -4.19 -20.07 -14.92
CA SER A 127 -5.04 -21.09 -14.28
C SER A 127 -4.17 -22.00 -13.41
N GLN A 128 -3.03 -22.42 -13.97
CA GLN A 128 -2.10 -23.28 -13.26
C GLN A 128 -1.59 -22.57 -12.01
N HIS A 129 -1.22 -21.30 -12.17
CA HIS A 129 -0.69 -20.56 -11.04
C HIS A 129 -1.76 -20.44 -9.97
N ALA A 130 -2.98 -20.19 -10.40
CA ALA A 130 -4.09 -20.08 -9.46
C ALA A 130 -4.26 -21.41 -8.69
N CYS A 131 -4.23 -22.53 -9.40
CA CYS A 131 -4.34 -23.84 -8.78
C CYS A 131 -3.16 -24.09 -7.82
N LEU A 132 -2.00 -23.63 -8.24
CA LEU A 132 -0.79 -23.78 -7.43
C LEU A 132 -0.93 -23.02 -6.12
N ILE A 133 -1.37 -21.76 -6.21
CA ILE A 133 -1.54 -20.90 -5.04
C ILE A 133 -2.59 -21.41 -4.07
N GLU A 134 -3.77 -21.72 -4.57
CA GLU A 134 -4.84 -22.20 -3.71
C GLU A 134 -4.44 -23.45 -2.93
N GLY A 135 -3.54 -24.24 -3.53
CA GLY A 135 -3.05 -25.45 -2.91
C GLY A 135 -4.08 -26.51 -2.54
N LYS A 136 -5.00 -26.78 -3.47
CA LYS A 136 -6.04 -27.78 -3.24
C LYS A 136 -5.83 -29.01 -4.11
N GLY A 137 -4.69 -29.07 -4.77
CA GLY A 137 -4.38 -30.22 -5.61
C GLY A 137 -5.21 -30.28 -6.89
N GLU A 138 -5.93 -29.21 -7.18
CA GLU A 138 -6.77 -29.15 -8.36
C GLU A 138 -5.95 -28.90 -9.61
N CYS A 139 -6.23 -29.67 -10.66
CA CYS A 139 -5.51 -29.47 -11.91
C CYS A 139 -6.13 -28.23 -12.56
N TRP A 140 -5.40 -27.58 -13.46
CA TRP A 140 -5.91 -26.37 -14.08
C TRP A 140 -7.07 -26.59 -15.05
N GLN A 141 -7.17 -27.77 -15.65
CA GLN A 141 -8.26 -28.02 -16.58
C GLN A 141 -9.60 -28.01 -15.88
N ASP A 142 -9.66 -28.52 -14.65
CA ASP A 142 -10.93 -28.53 -13.91
C ASP A 142 -11.29 -27.12 -13.53
N LYS A 143 -10.27 -26.35 -13.16
CA LYS A 143 -10.43 -24.97 -12.77
C LYS A 143 -11.09 -24.18 -13.89
N GLU A 144 -10.55 -24.30 -15.11
CA GLU A 144 -11.09 -23.58 -16.24
C GLU A 144 -12.50 -24.06 -16.53
N ARG A 145 -12.69 -25.38 -16.41
CA ARG A 145 -13.98 -25.98 -16.66
C ARG A 145 -15.01 -25.37 -15.69
N GLN A 146 -14.63 -25.27 -14.42
CA GLN A 146 -15.53 -24.71 -13.42
C GLN A 146 -15.86 -23.23 -13.68
N LEU A 147 -14.89 -22.49 -14.21
CA LEU A 147 -15.10 -21.08 -14.51
C LEU A 147 -16.04 -20.96 -15.72
N ARG A 148 -15.75 -21.76 -16.74
CA ARG A 148 -16.57 -21.75 -17.96
C ARG A 148 -18.02 -22.08 -17.69
N ALA A 149 -18.26 -23.01 -16.77
CA ALA A 149 -19.62 -23.41 -16.44
C ALA A 149 -20.37 -22.41 -15.57
N ARG A 150 -19.67 -21.80 -14.60
CA ARG A 150 -20.32 -20.85 -13.72
C ARG A 150 -20.56 -19.45 -14.30
N VAL A 151 -19.98 -19.18 -15.46
CA VAL A 151 -20.18 -17.88 -16.12
C VAL A 151 -21.41 -18.07 -17.01
N LYS A 152 -22.52 -17.49 -16.60
CA LYS A 152 -23.76 -17.62 -17.36
C LYS A 152 -23.83 -16.71 -18.59
N ARG A 153 -23.56 -15.42 -18.40
CA ARG A 153 -23.60 -14.51 -19.55
C ARG A 153 -22.63 -13.34 -19.47
N VAL A 154 -22.36 -12.76 -20.63
CA VAL A 154 -21.46 -11.63 -20.81
C VAL A 154 -22.31 -10.47 -21.34
N LEU A 155 -22.66 -9.55 -20.45
CA LEU A 155 -23.50 -8.42 -20.80
C LEU A 155 -22.76 -7.09 -20.99
N PRO A 156 -23.38 -6.15 -21.71
CA PRO A 156 -22.76 -4.84 -21.94
C PRO A 156 -22.91 -4.05 -20.65
N ILE A 157 -22.08 -3.03 -20.48
CA ILE A 157 -22.14 -2.22 -19.26
C ILE A 157 -21.50 -0.84 -19.48
N ASP A 158 -21.92 0.13 -18.67
CA ASP A 158 -21.41 1.48 -18.72
C ASP A 158 -21.45 1.99 -17.29
N VAL A 159 -20.34 1.87 -16.59
CA VAL A 159 -20.26 2.28 -15.19
C VAL A 159 -20.59 3.76 -15.01
N HIS A 160 -20.81 4.45 -16.12
CA HIS A 160 -21.12 5.86 -16.05
C HIS A 160 -22.62 6.10 -15.99
N GLN A 161 -23.39 5.20 -16.59
CA GLN A 161 -24.85 5.29 -16.58
C GLN A 161 -25.28 4.88 -15.17
N PRO A 162 -26.07 5.72 -14.49
CA PRO A 162 -26.58 5.48 -13.12
C PRO A 162 -27.10 4.08 -12.85
N GLN A 163 -27.35 3.35 -13.94
CA GLN A 163 -27.81 1.98 -13.89
C GLN A 163 -27.00 1.28 -14.99
N PRO A 164 -25.74 0.89 -14.69
CA PRO A 164 -24.77 0.21 -15.55
C PRO A 164 -25.30 -0.80 -16.56
N LEU A 165 -25.88 -1.88 -16.07
CA LEU A 165 -26.46 -2.90 -16.94
C LEU A 165 -27.77 -2.33 -17.46
N GLY A 166 -28.42 -1.51 -16.64
CA GLY A 166 -29.67 -0.84 -17.01
C GLY A 166 -30.92 -1.60 -17.41
N ALA A 167 -32.03 -1.20 -16.80
CA ALA A 167 -33.35 -1.77 -17.09
C ALA A 167 -33.49 -3.26 -16.75
N GLY A 168 -34.25 -3.96 -17.58
CA GLY A 168 -34.43 -5.39 -17.38
C GLY A 168 -33.18 -6.09 -17.89
N SER A 169 -32.27 -6.37 -16.96
CA SER A 169 -31.00 -7.02 -17.30
C SER A 169 -31.00 -8.47 -16.88
N PRO A 170 -30.59 -9.37 -17.80
CA PRO A 170 -30.53 -10.81 -17.53
C PRO A 170 -29.65 -11.12 -16.32
N ALA A 171 -29.15 -10.06 -15.68
CA ALA A 171 -28.28 -10.18 -14.52
C ALA A 171 -29.02 -10.20 -13.19
N PRO A 172 -28.90 -11.31 -12.44
CA PRO A 172 -29.53 -11.52 -11.14
C PRO A 172 -29.08 -10.50 -10.10
N LEU A 173 -29.58 -9.28 -10.21
CA LEU A 173 -29.24 -8.24 -9.25
C LEU A 173 -30.27 -8.29 -8.13
N PRO A 174 -29.88 -7.90 -6.92
CA PRO A 174 -28.53 -7.44 -6.56
C PRO A 174 -27.61 -8.64 -6.35
N ALA A 175 -26.32 -8.46 -6.65
CA ALA A 175 -25.33 -9.53 -6.50
C ALA A 175 -24.82 -9.59 -5.07
N ASP A 176 -24.11 -10.67 -4.75
CA ASP A 176 -23.55 -10.84 -3.42
C ASP A 176 -22.13 -10.33 -3.34
N ALA A 177 -21.46 -10.28 -4.48
CA ALA A 177 -20.08 -9.80 -4.53
C ALA A 177 -19.77 -9.19 -5.89
N LEU A 178 -18.82 -8.26 -5.90
CA LEU A 178 -18.39 -7.61 -7.12
C LEU A 178 -16.88 -7.71 -7.31
N VAL A 179 -16.46 -7.96 -8.54
CA VAL A 179 -15.04 -8.02 -8.86
C VAL A 179 -14.79 -7.05 -10.00
N SER A 180 -13.75 -6.24 -9.89
CA SER A 180 -13.44 -5.29 -10.96
C SER A 180 -11.95 -4.98 -10.97
N ALA A 181 -11.31 -5.18 -12.12
CA ALA A 181 -9.88 -4.92 -12.24
C ALA A 181 -9.57 -4.01 -13.40
N PHE A 182 -8.81 -2.95 -13.11
CA PHE A 182 -8.39 -1.97 -14.10
C PHE A 182 -9.50 -1.39 -14.96
N CYS A 183 -10.64 -1.10 -14.34
CA CYS A 183 -11.75 -0.53 -15.10
C CYS A 183 -12.03 0.93 -14.76
N LEU A 184 -12.48 1.16 -13.53
CA LEU A 184 -12.84 2.50 -13.07
C LEU A 184 -11.83 3.61 -13.36
N GLU A 185 -10.59 3.44 -12.93
CA GLU A 185 -9.60 4.47 -13.17
C GLU A 185 -9.24 4.60 -14.64
N ALA A 186 -9.49 3.54 -15.40
CA ALA A 186 -9.16 3.54 -16.82
C ALA A 186 -10.24 4.08 -17.76
N VAL A 187 -11.44 4.34 -17.22
CA VAL A 187 -12.54 4.83 -18.06
C VAL A 187 -13.10 6.17 -17.56
N SER A 188 -12.49 6.72 -16.52
CA SER A 188 -12.91 7.98 -15.93
C SER A 188 -11.90 9.09 -16.21
N PRO A 189 -12.38 10.24 -16.71
CA PRO A 189 -11.49 11.37 -17.02
C PRO A 189 -10.93 12.08 -15.78
N ASP A 190 -11.62 11.98 -14.65
CA ASP A 190 -11.14 12.64 -13.44
C ASP A 190 -11.57 11.92 -12.17
N LEU A 191 -11.00 12.35 -11.05
CA LEU A 191 -11.28 11.75 -9.75
C LEU A 191 -12.77 11.71 -9.43
N ALA A 192 -13.47 12.81 -9.69
CA ALA A 192 -14.89 12.87 -9.41
C ALA A 192 -15.69 11.88 -10.27
N SER A 193 -15.30 11.76 -11.53
CA SER A 193 -15.97 10.83 -12.45
C SER A 193 -15.74 9.41 -11.95
N PHE A 194 -14.59 9.20 -11.32
CA PHE A 194 -14.20 7.90 -10.76
C PHE A 194 -15.12 7.59 -9.57
N GLN A 195 -15.19 8.55 -8.64
CA GLN A 195 -15.99 8.43 -7.43
C GLN A 195 -17.45 8.17 -7.78
N ARG A 196 -17.95 8.88 -8.78
CA ARG A 196 -19.34 8.68 -9.19
C ARG A 196 -19.51 7.30 -9.78
N ALA A 197 -18.58 6.90 -10.65
CA ALA A 197 -18.65 5.59 -11.28
C ALA A 197 -18.62 4.47 -10.22
N LEU A 198 -17.95 4.71 -9.11
CA LEU A 198 -17.89 3.72 -8.03
C LEU A 198 -19.27 3.57 -7.41
N ASP A 199 -20.04 4.66 -7.39
CA ASP A 199 -21.38 4.63 -6.82
C ASP A 199 -22.32 3.87 -7.74
N HIS A 200 -22.16 4.07 -9.05
CA HIS A 200 -22.98 3.42 -10.05
C HIS A 200 -22.91 1.89 -10.04
N ILE A 201 -21.78 1.35 -9.55
CA ILE A 201 -21.61 -0.10 -9.49
C ILE A 201 -21.95 -0.61 -8.09
N THR A 202 -21.78 0.27 -7.10
CA THR A 202 -22.09 -0.09 -5.72
C THR A 202 -23.59 -0.36 -5.60
N THR A 203 -24.37 0.09 -6.59
CA THR A 203 -25.81 -0.12 -6.57
C THR A 203 -26.09 -1.58 -6.86
N LEU A 204 -25.35 -2.15 -7.82
CA LEU A 204 -25.51 -3.54 -8.22
C LEU A 204 -25.14 -4.53 -7.12
N LEU A 205 -24.55 -4.02 -6.04
CA LEU A 205 -24.14 -4.87 -4.94
C LEU A 205 -25.10 -4.81 -3.76
N ARG A 206 -25.59 -5.96 -3.35
CA ARG A 206 -26.50 -6.06 -2.22
C ARG A 206 -25.76 -5.66 -0.93
N PRO A 207 -26.47 -5.00 0.01
CA PRO A 207 -25.85 -4.58 1.27
C PRO A 207 -25.10 -5.74 1.91
N GLY A 208 -24.04 -5.43 2.66
CA GLY A 208 -23.27 -6.48 3.29
C GLY A 208 -22.49 -7.29 2.27
N GLY A 209 -22.57 -6.86 1.01
CA GLY A 209 -21.88 -7.53 -0.08
C GLY A 209 -20.40 -7.19 -0.12
N HIS A 210 -19.65 -7.90 -0.95
CA HIS A 210 -18.21 -7.67 -1.05
C HIS A 210 -17.73 -7.16 -2.40
N LEU A 211 -16.75 -6.26 -2.35
CA LEU A 211 -16.15 -5.71 -3.54
C LEU A 211 -14.67 -6.03 -3.54
N LEU A 212 -14.21 -6.63 -4.63
CA LEU A 212 -12.79 -6.93 -4.80
C LEU A 212 -12.39 -6.03 -5.94
N LEU A 213 -11.56 -5.05 -5.61
CA LEU A 213 -11.14 -4.06 -6.61
C LEU A 213 -9.65 -4.03 -6.85
N ILE A 214 -9.30 -4.18 -8.13
CA ILE A 214 -7.91 -4.13 -8.56
C ILE A 214 -7.78 -2.99 -9.58
N GLY A 215 -6.73 -2.19 -9.45
CA GLY A 215 -6.52 -1.09 -10.37
C GLY A 215 -5.10 -0.58 -10.47
N ALA A 216 -4.89 0.31 -11.44
CA ALA A 216 -3.59 0.94 -11.68
C ALA A 216 -3.36 2.14 -10.75
N LEU A 217 -2.13 2.29 -10.25
CA LEU A 217 -1.77 3.41 -9.37
C LEU A 217 -0.93 4.45 -10.10
N GLU A 218 -1.35 5.71 -10.00
CA GLU A 218 -0.65 6.83 -10.62
C GLU A 218 -0.33 6.64 -12.10
N GLU A 219 -1.26 6.08 -12.85
CA GLU A 219 -1.08 5.87 -14.28
C GLU A 219 -1.90 6.95 -14.98
N SER A 220 -1.38 7.48 -16.10
CA SER A 220 -2.11 8.50 -16.84
C SER A 220 -2.47 8.05 -18.26
N TRP A 221 -1.73 7.07 -18.81
CA TRP A 221 -2.03 6.56 -20.15
C TRP A 221 -1.56 5.11 -20.33
N TYR A 222 -2.15 4.42 -21.31
CA TYR A 222 -1.76 3.04 -21.65
C TYR A 222 -2.26 2.75 -23.06
N LEU A 223 -1.53 1.92 -23.79
CA LEU A 223 -1.91 1.62 -25.15
C LEU A 223 -2.60 0.27 -25.31
N ALA A 224 -3.37 0.15 -26.39
CA ALA A 224 -4.09 -1.06 -26.72
C ALA A 224 -4.26 -1.08 -28.23
N GLY A 225 -3.14 -1.29 -28.93
CA GLY A 225 -3.17 -1.31 -30.37
C GLY A 225 -3.03 0.11 -30.89
N GLU A 226 -4.01 0.58 -31.64
CA GLU A 226 -3.99 1.94 -32.16
C GLU A 226 -4.67 2.86 -31.15
N ALA A 227 -5.19 2.27 -30.10
CA ALA A 227 -5.86 3.04 -29.05
C ALA A 227 -4.87 3.50 -27.98
N ARG A 228 -4.98 4.78 -27.63
CA ARG A 228 -4.14 5.40 -26.61
C ARG A 228 -5.21 5.87 -25.63
N LEU A 229 -5.16 5.36 -24.41
CA LEU A 229 -6.18 5.73 -23.41
C LEU A 229 -5.66 6.72 -22.38
N THR A 230 -6.51 7.66 -21.98
CA THR A 230 -6.14 8.65 -20.99
C THR A 230 -6.84 8.29 -19.70
N VAL A 231 -6.06 7.88 -18.70
CA VAL A 231 -6.60 7.48 -17.42
C VAL A 231 -6.33 8.49 -16.31
N VAL A 232 -7.16 8.47 -15.28
CA VAL A 232 -7.01 9.37 -14.15
C VAL A 232 -6.05 8.73 -13.16
N PRO A 233 -4.90 9.37 -12.93
CA PRO A 233 -3.94 8.78 -11.98
C PRO A 233 -4.50 8.85 -10.57
N VAL A 234 -4.59 7.70 -9.91
CA VAL A 234 -5.09 7.64 -8.54
C VAL A 234 -4.07 7.05 -7.59
N SER A 235 -4.11 7.54 -6.35
CA SER A 235 -3.22 7.08 -5.30
C SER A 235 -3.99 6.09 -4.46
N GLU A 236 -3.28 5.39 -3.58
CA GLU A 236 -3.90 4.41 -2.69
C GLU A 236 -4.82 5.16 -1.71
N GLU A 237 -4.30 6.27 -1.19
CA GLU A 237 -5.03 7.12 -0.27
C GLU A 237 -6.36 7.52 -0.92
N GLU A 238 -6.29 8.00 -2.15
CA GLU A 238 -7.48 8.43 -2.89
C GLU A 238 -8.47 7.31 -3.16
N VAL A 239 -7.96 6.09 -3.36
CA VAL A 239 -8.81 4.94 -3.62
C VAL A 239 -9.57 4.53 -2.36
N ARG A 240 -8.89 4.58 -1.22
CA ARG A 240 -9.51 4.21 0.05
C ARG A 240 -10.64 5.17 0.33
N GLU A 241 -10.28 6.45 0.41
CA GLU A 241 -11.23 7.53 0.69
C GLU A 241 -12.43 7.45 -0.25
N ALA A 242 -12.20 7.02 -1.48
CA ALA A 242 -13.26 6.90 -2.46
C ALA A 242 -14.17 5.71 -2.10
N LEU A 243 -13.57 4.65 -1.56
CA LEU A 243 -14.33 3.48 -1.17
C LEU A 243 -15.29 3.81 -0.05
N VAL A 244 -14.80 4.56 0.93
CA VAL A 244 -15.63 4.98 2.06
C VAL A 244 -16.80 5.83 1.55
N ARG A 245 -16.47 6.95 0.90
CA ARG A 245 -17.48 7.85 0.37
C ARG A 245 -18.52 7.14 -0.49
N SER A 246 -18.33 5.84 -0.73
CA SER A 246 -19.28 5.07 -1.51
C SER A 246 -20.05 4.10 -0.61
N GLY A 247 -19.73 4.13 0.68
CA GLY A 247 -20.40 3.28 1.65
C GLY A 247 -19.75 1.93 1.93
N TYR A 248 -18.43 1.83 1.79
CA TYR A 248 -17.71 0.59 2.01
C TYR A 248 -16.87 0.62 3.28
N LYS A 249 -16.46 -0.56 3.73
CA LYS A 249 -15.66 -0.71 4.93
C LYS A 249 -14.36 -1.46 4.59
N VAL A 250 -13.44 -0.76 3.94
CA VAL A 250 -12.16 -1.32 3.53
C VAL A 250 -11.61 -2.40 4.46
N ARG A 251 -11.78 -3.67 4.07
CA ARG A 251 -11.29 -4.80 4.86
C ARG A 251 -9.80 -5.00 4.60
N ASP A 252 -9.34 -4.59 3.42
CA ASP A 252 -7.94 -4.76 3.08
C ASP A 252 -7.56 -3.93 1.84
N LEU A 253 -6.33 -3.40 1.87
CA LEU A 253 -5.85 -2.60 0.76
C LEU A 253 -4.34 -2.84 0.65
N ARG A 254 -3.89 -3.27 -0.53
CA ARG A 254 -2.48 -3.55 -0.73
C ARG A 254 -1.96 -2.87 -1.97
N THR A 255 -0.67 -2.55 -1.95
CA THR A 255 -0.03 -1.91 -3.07
C THR A 255 1.16 -2.71 -3.59
N TYR A 256 1.26 -2.79 -4.90
CA TYR A 256 2.35 -3.47 -5.57
C TYR A 256 3.09 -2.38 -6.34
N ILE A 257 4.37 -2.19 -6.06
CA ILE A 257 5.14 -1.16 -6.75
C ILE A 257 5.74 -1.82 -8.00
N MET A 258 5.60 -1.17 -9.14
CA MET A 258 6.11 -1.70 -10.41
C MET A 258 7.62 -1.84 -10.53
N PRO A 259 8.11 -3.06 -10.78
CA PRO A 259 9.55 -3.28 -10.91
C PRO A 259 10.00 -2.67 -12.23
N ALA A 260 11.25 -2.23 -12.28
CA ALA A 260 11.77 -1.63 -13.50
C ALA A 260 11.60 -2.54 -14.73
N HIS A 261 11.88 -3.84 -14.57
CA HIS A 261 11.75 -4.78 -15.69
C HIS A 261 10.31 -5.00 -16.20
N LEU A 262 9.32 -4.56 -15.44
CA LEU A 262 7.92 -4.71 -15.86
C LEU A 262 7.40 -3.36 -16.37
N GLN A 263 8.28 -2.37 -16.39
CA GLN A 263 7.94 -1.04 -16.86
C GLN A 263 8.33 -1.00 -18.33
N THR A 264 7.41 -1.37 -19.21
CA THR A 264 7.72 -1.37 -20.63
C THR A 264 7.19 -0.09 -21.28
N GLY A 265 7.04 -0.11 -22.60
CA GLY A 265 6.55 1.08 -23.29
C GLY A 265 5.05 1.13 -23.45
N VAL A 266 4.31 0.18 -22.87
CA VAL A 266 2.85 0.16 -23.03
C VAL A 266 2.06 1.09 -22.13
N ASP A 267 2.70 1.67 -21.13
CA ASP A 267 2.01 2.58 -20.24
C ASP A 267 2.98 3.27 -19.30
N ASP A 268 2.46 4.00 -18.33
CA ASP A 268 3.30 4.67 -17.35
C ASP A 268 2.82 4.34 -15.94
N VAL A 269 2.28 3.14 -15.75
CA VAL A 269 1.78 2.71 -14.45
C VAL A 269 2.93 2.72 -13.43
N LYS A 270 2.66 3.22 -12.22
CA LYS A 270 3.69 3.27 -11.18
C LYS A 270 3.54 2.11 -10.20
N GLY A 271 2.31 1.61 -10.06
CA GLY A 271 2.04 0.51 -9.16
C GLY A 271 0.68 -0.09 -9.41
N VAL A 272 0.26 -1.03 -8.55
CA VAL A 272 -1.05 -1.66 -8.69
C VAL A 272 -1.64 -1.83 -7.30
N PHE A 273 -2.94 -1.58 -7.16
CA PHE A 273 -3.54 -1.73 -5.86
C PHE A 273 -4.59 -2.81 -5.84
N PHE A 274 -4.78 -3.37 -4.66
CA PHE A 274 -5.80 -4.39 -4.44
C PHE A 274 -6.66 -3.91 -3.26
N ALA A 275 -7.96 -3.92 -3.45
CA ALA A 275 -8.86 -3.50 -2.40
C ALA A 275 -9.93 -4.53 -2.11
N TRP A 276 -10.06 -4.91 -0.84
CA TRP A 276 -11.11 -5.84 -0.44
C TRP A 276 -12.04 -5.00 0.44
N ALA A 277 -13.20 -4.67 -0.09
CA ALA A 277 -14.15 -3.85 0.64
C ALA A 277 -15.54 -4.47 0.74
N GLN A 278 -16.23 -4.12 1.81
CA GLN A 278 -17.58 -4.62 2.05
C GLN A 278 -18.60 -3.49 2.22
N LYS A 279 -19.68 -3.54 1.42
CA LYS A 279 -20.74 -2.54 1.47
C LYS A 279 -21.53 -2.66 2.77
N VAL A 280 -21.40 -1.66 3.64
CA VAL A 280 -22.10 -1.68 4.91
C VAL A 280 -23.40 -0.89 4.83
N PRO B 14 22.95 -18.69 10.20
CA PRO B 14 24.09 -17.81 9.92
C PRO B 14 24.31 -16.74 10.99
N ASP B 15 25.57 -16.38 11.23
CA ASP B 15 25.91 -15.34 12.22
C ASP B 15 25.57 -13.98 11.63
N SER B 16 25.11 -13.08 12.49
CA SER B 16 24.75 -11.74 12.08
C SER B 16 25.89 -10.75 12.27
N ALA B 17 26.69 -10.98 13.31
CA ALA B 17 27.82 -10.11 13.65
C ALA B 17 28.52 -9.45 12.46
N PRO B 18 28.90 -10.23 11.43
CA PRO B 18 29.58 -9.62 10.28
C PRO B 18 28.77 -8.48 9.65
N GLY B 19 27.54 -8.77 9.26
CA GLY B 19 26.68 -7.76 8.66
C GLY B 19 26.44 -6.60 9.61
N GLN B 20 26.19 -6.92 10.87
CA GLN B 20 25.96 -5.91 11.87
C GLN B 20 27.18 -5.00 12.02
N ALA B 21 28.36 -5.61 12.01
CA ALA B 21 29.61 -4.86 12.14
C ALA B 21 29.78 -3.94 10.93
N ALA B 22 29.27 -4.39 9.80
CA ALA B 22 29.34 -3.62 8.56
C ALA B 22 28.45 -2.39 8.69
N VAL B 23 27.26 -2.60 9.25
CA VAL B 23 26.27 -1.55 9.45
C VAL B 23 26.82 -0.53 10.45
N ALA B 24 27.26 -1.03 11.60
CA ALA B 24 27.82 -0.18 12.63
C ALA B 24 28.91 0.72 12.05
N SER B 25 29.81 0.13 11.28
CA SER B 25 30.91 0.88 10.65
C SER B 25 30.40 1.96 9.71
N ALA B 26 29.49 1.60 8.82
CA ALA B 26 28.95 2.55 7.85
C ALA B 26 28.32 3.78 8.52
N TYR B 27 27.61 3.56 9.63
CA TYR B 27 26.97 4.66 10.33
C TYR B 27 27.94 5.62 10.99
N GLN B 28 29.13 5.13 11.34
CA GLN B 28 30.12 5.99 11.96
C GLN B 28 30.48 7.15 11.03
N ARG B 29 29.97 7.10 9.81
CA ARG B 29 30.21 8.17 8.84
C ARG B 29 28.92 8.93 8.58
N PHE B 30 27.86 8.57 9.30
CA PHE B 30 26.56 9.20 9.16
C PHE B 30 26.66 10.68 9.56
N GLU B 31 26.13 11.57 8.73
CA GLU B 31 26.17 13.02 9.00
C GLU B 31 24.78 13.62 9.18
N PRO B 32 24.42 13.99 10.43
CA PRO B 32 23.12 14.58 10.77
C PRO B 32 22.69 15.71 9.84
N ARG B 33 23.53 16.73 9.74
CA ARG B 33 23.26 17.88 8.89
C ARG B 33 22.86 17.54 7.47
N ALA B 34 23.67 16.71 6.81
CA ALA B 34 23.36 16.35 5.44
C ALA B 34 22.08 15.53 5.41
N TYR B 35 21.95 14.62 6.37
CA TYR B 35 20.75 13.79 6.44
C TYR B 35 19.49 14.65 6.48
N LEU B 36 19.48 15.64 7.38
CA LEU B 36 18.33 16.53 7.52
C LEU B 36 17.99 17.30 6.25
N ARG B 37 19.01 17.83 5.59
CA ARG B 37 18.81 18.60 4.37
C ARG B 37 18.33 17.74 3.20
N ASN B 38 18.85 16.52 3.09
CA ASN B 38 18.45 15.63 2.01
C ASN B 38 17.00 15.20 2.11
N ASN B 39 16.56 14.91 3.33
CA ASN B 39 15.20 14.42 3.55
C ASN B 39 14.19 15.37 4.20
N TYR B 40 14.67 16.37 4.93
CA TYR B 40 13.74 17.26 5.60
C TYR B 40 13.80 18.75 5.26
N ALA B 41 14.40 19.04 4.11
CA ALA B 41 14.49 20.39 3.58
C ALA B 41 13.84 20.22 2.20
N PRO B 42 13.42 21.32 1.56
CA PRO B 42 12.81 21.13 0.23
C PRO B 42 13.77 20.43 -0.74
N PRO B 43 13.24 19.68 -1.73
CA PRO B 43 11.83 19.40 -2.04
C PRO B 43 11.13 18.42 -1.10
N ARG B 44 11.87 17.46 -0.55
CA ARG B 44 11.26 16.49 0.34
C ARG B 44 10.66 17.08 1.61
N GLY B 45 11.30 18.14 2.12
CA GLY B 45 10.79 18.78 3.33
C GLY B 45 9.82 19.90 3.00
N ASP B 46 9.23 19.85 1.79
CA ASP B 46 8.28 20.87 1.38
C ASP B 46 6.90 20.32 1.66
N LEU B 47 6.27 20.84 2.71
CA LEU B 47 4.95 20.40 3.12
C LEU B 47 3.81 21.08 2.39
N CYS B 48 4.14 21.97 1.45
CA CYS B 48 3.13 22.69 0.70
C CYS B 48 2.27 21.81 -0.21
N ASN B 49 2.91 20.93 -0.97
CA ASN B 49 2.17 20.01 -1.84
C ASN B 49 1.54 18.89 -1.01
N PRO B 50 0.20 18.80 -0.99
CA PRO B 50 -0.51 17.76 -0.23
C PRO B 50 -0.20 16.33 -0.66
N ASN B 51 0.48 16.19 -1.80
CA ASN B 51 0.84 14.89 -2.32
C ASN B 51 2.31 14.54 -2.11
N GLY B 52 3.00 15.32 -1.30
CA GLY B 52 4.39 15.03 -1.04
C GLY B 52 4.48 13.99 0.06
N VAL B 53 5.69 13.55 0.35
CA VAL B 53 5.88 12.53 1.38
C VAL B 53 5.74 13.07 2.80
N GLY B 54 6.11 14.33 3.01
CA GLY B 54 6.01 14.95 4.32
C GLY B 54 4.56 14.94 4.77
N PRO B 55 3.68 15.56 4.00
CA PRO B 55 2.26 15.60 4.35
C PRO B 55 1.67 14.21 4.58
N TRP B 56 1.93 13.28 3.67
CA TRP B 56 1.40 11.91 3.80
C TRP B 56 1.84 11.26 5.12
N LYS B 57 3.12 11.36 5.47
CA LYS B 57 3.58 10.78 6.73
C LYS B 57 2.83 11.42 7.90
N LEU B 58 2.83 12.75 7.98
CA LEU B 58 2.14 13.48 9.05
C LEU B 58 0.67 13.12 9.11
N ARG B 59 0.04 12.91 7.95
CA ARG B 59 -1.37 12.51 7.92
C ARG B 59 -1.57 11.13 8.53
N CYS B 60 -0.69 10.18 8.20
CA CYS B 60 -0.81 8.82 8.72
C CYS B 60 -0.79 8.81 10.24
N LEU B 61 0.16 9.55 10.82
CA LEU B 61 0.32 9.62 12.26
C LEU B 61 -0.84 10.36 12.94
N ALA B 62 -1.21 11.52 12.39
CA ALA B 62 -2.30 12.34 12.95
C ALA B 62 -3.61 11.55 12.97
N GLN B 63 -3.94 10.96 11.83
CA GLN B 63 -5.16 10.17 11.67
C GLN B 63 -5.20 8.94 12.59
N THR B 64 -4.07 8.28 12.80
CA THR B 64 -4.06 7.11 13.67
C THR B 64 -4.32 7.55 15.11
N PHE B 65 -3.67 8.62 15.54
CA PHE B 65 -3.86 9.11 16.90
C PHE B 65 -5.26 9.66 17.11
N ALA B 66 -5.85 10.23 16.06
CA ALA B 66 -7.18 10.80 16.17
C ALA B 66 -8.28 9.74 16.38
N THR B 67 -7.95 8.46 16.22
CA THR B 67 -8.95 7.43 16.46
C THR B 67 -9.09 7.27 17.97
N GLY B 68 -8.13 7.79 18.71
CA GLY B 68 -8.16 7.69 20.16
C GLY B 68 -7.88 6.28 20.66
N GLU B 69 -7.55 5.38 19.73
CA GLU B 69 -7.27 4.01 20.10
C GLU B 69 -5.84 3.77 20.51
N VAL B 70 -4.98 4.76 20.33
CA VAL B 70 -3.57 4.62 20.71
C VAL B 70 -3.28 5.61 21.81
N SER B 71 -3.36 5.13 23.04
CA SER B 71 -3.13 5.98 24.20
C SER B 71 -2.40 5.23 25.31
N GLY B 72 -1.95 5.99 26.30
CA GLY B 72 -1.24 5.40 27.41
C GLY B 72 -0.42 6.47 28.11
N ARG B 73 0.56 6.05 28.89
CA ARG B 73 1.41 6.99 29.60
C ARG B 73 2.77 7.11 28.92
N THR B 74 3.40 5.96 28.63
CA THR B 74 4.72 5.97 28.03
C THR B 74 4.81 5.57 26.56
N LEU B 75 5.77 6.19 25.88
CA LEU B 75 6.02 5.93 24.48
C LEU B 75 7.53 5.93 24.22
N ILE B 76 7.98 5.01 23.37
CA ILE B 76 9.40 4.93 23.03
C ILE B 76 9.62 5.06 21.53
N ASP B 77 10.39 6.06 21.12
CA ASP B 77 10.70 6.26 19.70
C ASP B 77 12.01 5.53 19.43
N ILE B 78 11.94 4.54 18.55
CA ILE B 78 13.07 3.69 18.17
C ILE B 78 13.85 4.26 16.98
N GLY B 79 15.15 4.51 17.18
CA GLY B 79 15.97 5.06 16.11
C GLY B 79 15.46 6.41 15.64
N SER B 80 15.40 7.35 16.57
CA SER B 80 14.91 8.70 16.28
C SER B 80 15.81 9.45 15.29
N GLY B 81 17.10 9.19 15.34
CA GLY B 81 18.01 9.91 14.48
C GLY B 81 18.01 11.35 14.95
N PRO B 82 18.21 12.31 14.05
CA PRO B 82 18.21 13.71 14.50
C PRO B 82 16.84 14.38 14.20
N THR B 83 15.77 13.60 14.20
CA THR B 83 14.44 14.13 13.88
C THR B 83 13.37 14.00 14.98
N VAL B 84 12.36 14.86 14.91
CA VAL B 84 11.29 14.87 15.89
C VAL B 84 9.88 14.81 15.27
N TYR B 85 9.79 15.04 13.96
CA TYR B 85 8.49 15.05 13.26
C TYR B 85 7.62 13.83 13.59
N GLN B 86 8.26 12.67 13.71
CA GLN B 86 7.55 11.44 14.00
C GLN B 86 6.81 11.46 15.34
N LEU B 87 7.10 12.48 16.16
CA LEU B 87 6.46 12.59 17.48
C LEU B 87 5.55 13.79 17.67
N LEU B 88 5.33 14.56 16.61
CA LEU B 88 4.48 15.75 16.73
C LEU B 88 3.03 15.48 17.10
N SER B 89 2.41 14.45 16.52
CA SER B 89 1.03 14.12 16.85
C SER B 89 0.95 13.26 18.09
N ALA B 90 1.99 12.48 18.32
CA ALA B 90 2.06 11.58 19.46
C ALA B 90 2.20 12.27 20.83
N CYS B 91 2.96 13.35 20.90
CA CYS B 91 3.17 14.00 22.19
C CYS B 91 1.90 14.52 22.90
N SER B 92 0.79 14.62 22.19
CA SER B 92 -0.42 15.08 22.85
C SER B 92 -1.19 13.89 23.45
N HIS B 93 -0.61 12.70 23.31
CA HIS B 93 -1.25 11.48 23.83
C HIS B 93 -0.35 10.74 24.81
N PHE B 94 0.92 11.12 24.91
CA PHE B 94 1.81 10.44 25.83
C PHE B 94 2.60 11.42 26.68
N GLU B 95 2.47 11.28 28.00
CA GLU B 95 3.16 12.15 28.94
C GLU B 95 4.64 11.90 29.01
N ASP B 96 5.03 10.64 28.89
CA ASP B 96 6.45 10.27 28.96
C ASP B 96 6.96 9.70 27.63
N ILE B 97 7.84 10.46 26.99
CA ILE B 97 8.39 10.03 25.71
C ILE B 97 9.89 9.76 25.81
N THR B 98 10.30 8.60 25.34
CA THR B 98 11.71 8.23 25.35
C THR B 98 12.22 8.27 23.91
N MET B 99 13.25 9.07 23.64
CA MET B 99 13.82 9.12 22.30
C MET B 99 15.08 8.27 22.34
N THR B 100 15.50 7.73 21.19
CA THR B 100 16.68 6.88 21.18
C THR B 100 17.43 6.90 19.86
N ASP B 101 18.74 6.62 19.94
CA ASP B 101 19.56 6.49 18.75
C ASP B 101 20.90 5.86 19.02
N PHE B 102 21.39 5.16 18.01
CA PHE B 102 22.65 4.45 18.04
C PHE B 102 23.82 5.42 18.10
N LEU B 103 23.74 6.48 17.29
CA LEU B 103 24.79 7.49 17.20
C LEU B 103 24.71 8.67 18.16
N GLU B 104 25.83 8.93 18.84
CA GLU B 104 25.90 10.05 19.76
C GLU B 104 25.67 11.37 19.05
N VAL B 105 26.28 11.55 17.87
CA VAL B 105 26.13 12.80 17.14
C VAL B 105 24.66 13.09 16.82
N ASN B 106 23.85 12.04 16.78
CA ASN B 106 22.42 12.20 16.52
C ASN B 106 21.74 12.60 17.82
N ARG B 107 22.22 12.03 18.92
CA ARG B 107 21.65 12.35 20.22
C ARG B 107 21.95 13.81 20.59
N GLN B 108 23.07 14.33 20.09
CA GLN B 108 23.44 15.72 20.35
C GLN B 108 22.58 16.63 19.50
N GLU B 109 22.32 16.19 18.28
CA GLU B 109 21.51 16.98 17.38
C GLU B 109 20.13 17.14 18.02
N LEU B 110 19.65 16.09 18.67
CA LEU B 110 18.35 16.14 19.35
C LEU B 110 18.47 17.08 20.56
N GLY B 111 19.57 16.92 21.33
CA GLY B 111 19.77 17.78 22.48
C GLY B 111 19.82 19.24 22.05
N ARG B 112 20.32 19.48 20.86
CA ARG B 112 20.42 20.85 20.36
C ARG B 112 19.00 21.43 20.16
N TRP B 113 18.09 20.63 19.62
CA TRP B 113 16.72 21.10 19.41
C TRP B 113 16.01 21.25 20.75
N LEU B 114 16.27 20.32 21.65
CA LEU B 114 15.66 20.35 22.98
C LEU B 114 16.01 21.63 23.74
N GLN B 115 17.18 22.20 23.45
CA GLN B 115 17.65 23.42 24.10
C GLN B 115 17.25 24.65 23.33
N GLU B 116 16.45 24.44 22.29
CA GLU B 116 15.98 25.55 21.46
C GLU B 116 17.15 26.44 21.03
N GLU B 117 18.29 25.82 20.76
CA GLU B 117 19.46 26.57 20.32
C GLU B 117 19.31 26.92 18.84
N PRO B 118 19.87 28.06 18.41
CA PRO B 118 19.78 28.49 17.01
C PRO B 118 20.41 27.56 15.97
N GLY B 119 21.50 26.90 16.35
CA GLY B 119 22.17 25.99 15.43
C GLY B 119 21.47 24.65 15.28
N ALA B 120 20.21 24.60 15.71
CA ALA B 120 19.47 23.36 15.63
C ALA B 120 18.55 23.41 14.44
N PHE B 121 18.15 22.24 13.95
CA PHE B 121 17.27 22.16 12.80
C PHE B 121 15.95 22.83 13.13
N ASN B 122 15.39 23.54 12.18
CA ASN B 122 14.12 24.21 12.40
C ASN B 122 13.00 23.31 11.90
N TRP B 123 12.21 22.79 12.83
CA TRP B 123 11.11 21.89 12.51
C TRP B 123 9.76 22.59 12.40
N SER B 124 9.77 23.91 12.59
CA SER B 124 8.54 24.69 12.56
C SER B 124 7.61 24.37 11.40
N MET B 125 8.16 24.13 10.21
CA MET B 125 7.34 23.81 9.04
C MET B 125 6.56 22.52 9.30
N TYR B 126 7.23 21.52 9.88
CA TYR B 126 6.57 20.26 10.18
C TYR B 126 5.55 20.43 11.31
N SER B 127 5.92 21.25 12.29
CA SER B 127 5.04 21.52 13.43
C SER B 127 3.74 22.19 12.97
N GLN B 128 3.85 23.24 12.16
CA GLN B 128 2.69 23.95 11.67
C GLN B 128 1.80 22.98 10.93
N HIS B 129 2.38 22.17 10.06
CA HIS B 129 1.54 21.24 9.29
C HIS B 129 0.80 20.27 10.21
N ALA B 130 1.50 19.76 11.22
CA ALA B 130 0.89 18.86 12.18
C ALA B 130 -0.34 19.55 12.80
N CYS B 131 -0.14 20.73 13.39
CA CYS B 131 -1.25 21.48 14.00
C CYS B 131 -2.35 21.69 12.98
N LEU B 132 -1.93 21.98 11.75
CA LEU B 132 -2.88 22.20 10.68
C LEU B 132 -3.81 21.01 10.45
N ILE B 133 -3.26 19.81 10.28
CA ILE B 133 -4.10 18.66 10.02
C ILE B 133 -4.74 18.04 11.26
N GLU B 134 -4.23 18.37 12.43
CA GLU B 134 -4.85 17.84 13.66
C GLU B 134 -6.15 18.61 13.86
N GLY B 135 -6.16 19.87 13.41
CA GLY B 135 -7.35 20.71 13.50
C GLY B 135 -7.93 21.02 14.87
N LYS B 136 -7.12 21.59 15.74
CA LYS B 136 -7.56 21.93 17.08
C LYS B 136 -7.15 23.37 17.35
N GLY B 137 -6.81 24.07 16.29
CA GLY B 137 -6.41 25.47 16.41
C GLY B 137 -5.19 25.66 17.28
N GLU B 138 -4.37 24.62 17.40
CA GLU B 138 -3.16 24.70 18.21
C GLU B 138 -2.09 25.43 17.39
N CYS B 139 -1.40 26.37 18.02
CA CYS B 139 -0.36 27.07 17.29
C CYS B 139 0.88 26.19 17.42
N TRP B 140 1.71 26.20 16.38
CA TRP B 140 2.87 25.33 16.38
C TRP B 140 3.84 25.53 17.54
N GLN B 141 3.85 26.72 18.12
CA GLN B 141 4.76 26.95 19.23
C GLN B 141 4.33 26.19 20.47
N ASP B 142 3.03 26.07 20.68
CA ASP B 142 2.54 25.32 21.85
C ASP B 142 2.89 23.86 21.64
N LYS B 143 2.70 23.41 20.40
CA LYS B 143 3.00 22.05 20.00
C LYS B 143 4.47 21.69 20.30
N GLU B 144 5.40 22.53 19.84
CA GLU B 144 6.81 22.25 20.08
C GLU B 144 7.14 22.29 21.57
N ARG B 145 6.48 23.19 22.28
CA ARG B 145 6.71 23.34 23.72
C ARG B 145 6.26 22.06 24.44
N GLN B 146 5.12 21.51 24.03
CA GLN B 146 4.63 20.30 24.65
C GLN B 146 5.57 19.12 24.40
N LEU B 147 6.10 19.03 23.17
CA LEU B 147 6.99 17.94 22.84
C LEU B 147 8.27 18.03 23.65
N ARG B 148 8.86 19.23 23.73
CA ARG B 148 10.09 19.39 24.50
C ARG B 148 9.87 18.99 25.95
N ALA B 149 8.70 19.31 26.49
CA ALA B 149 8.40 18.99 27.89
C ALA B 149 8.19 17.49 28.14
N ARG B 150 7.62 16.81 27.16
CA ARG B 150 7.32 15.40 27.30
C ARG B 150 8.43 14.43 26.91
N VAL B 151 9.49 14.94 26.28
CA VAL B 151 10.63 14.11 25.94
C VAL B 151 11.38 14.02 27.27
N LYS B 152 11.23 12.90 27.98
CA LYS B 152 11.87 12.75 29.27
C LYS B 152 13.30 12.21 29.24
N ARG B 153 13.70 11.66 28.10
CA ARG B 153 15.06 11.13 27.99
C ARG B 153 15.44 10.81 26.56
N VAL B 154 16.74 10.85 26.29
CA VAL B 154 17.29 10.54 24.98
C VAL B 154 18.36 9.50 25.27
N LEU B 155 18.06 8.25 24.94
CA LEU B 155 18.96 7.13 25.23
C LEU B 155 19.61 6.46 24.03
N PRO B 156 20.75 5.78 24.28
CA PRO B 156 21.47 5.07 23.22
C PRO B 156 20.73 3.76 22.97
N ILE B 157 20.80 3.23 21.75
CA ILE B 157 20.10 1.99 21.45
C ILE B 157 20.72 1.22 20.28
N ASP B 158 20.61 -0.11 20.34
CA ASP B 158 21.12 -1.01 19.31
C ASP B 158 20.01 -2.05 19.12
N VAL B 159 19.25 -1.94 18.04
CA VAL B 159 18.16 -2.87 17.82
C VAL B 159 18.58 -4.32 17.62
N HIS B 160 19.87 -4.55 17.39
CA HIS B 160 20.33 -5.92 17.16
C HIS B 160 20.61 -6.69 18.45
N GLN B 161 20.49 -6.02 19.59
CA GLN B 161 20.73 -6.70 20.87
C GLN B 161 19.39 -7.24 21.40
N PRO B 162 19.41 -8.37 22.11
CA PRO B 162 18.17 -8.94 22.66
C PRO B 162 17.47 -7.94 23.59
N GLN B 163 18.27 -7.01 24.12
CA GLN B 163 17.78 -5.93 24.99
C GLN B 163 18.35 -4.66 24.35
N PRO B 164 17.59 -4.09 23.39
CA PRO B 164 17.97 -2.88 22.64
C PRO B 164 18.40 -1.67 23.44
N LEU B 165 17.87 -1.49 24.65
CA LEU B 165 18.22 -0.35 25.47
C LEU B 165 19.30 -0.67 26.48
N GLY B 166 19.86 -1.87 26.37
CA GLY B 166 20.87 -2.28 27.32
C GLY B 166 20.11 -2.91 28.45
N ALA B 167 20.72 -3.03 29.62
CA ALA B 167 20.04 -3.63 30.75
C ALA B 167 19.77 -2.61 31.85
N GLY B 168 18.64 -2.79 32.53
CA GLY B 168 18.26 -1.89 33.61
C GLY B 168 18.30 -0.43 33.21
N SER B 169 18.06 -0.16 31.93
CA SER B 169 18.07 1.21 31.43
C SER B 169 16.88 1.96 31.99
N PRO B 170 16.90 3.30 31.89
CA PRO B 170 15.81 4.13 32.40
C PRO B 170 14.46 3.71 31.82
N ALA B 171 14.20 4.18 30.60
CA ALA B 171 12.96 3.90 29.89
C ALA B 171 11.94 3.10 30.70
N PRO B 172 10.78 3.71 31.00
CA PRO B 172 9.78 2.96 31.76
C PRO B 172 9.40 1.76 30.90
N LEU B 173 9.46 0.56 31.48
CA LEU B 173 9.10 -0.63 30.73
C LEU B 173 8.04 -1.47 31.43
N PRO B 174 7.13 -2.06 30.64
CA PRO B 174 7.14 -1.91 29.18
C PRO B 174 6.43 -0.62 28.75
N ALA B 175 6.78 -0.13 27.57
CA ALA B 175 6.19 1.08 27.04
C ALA B 175 4.78 0.77 26.54
N ASP B 176 3.89 1.76 26.59
CA ASP B 176 2.53 1.57 26.14
C ASP B 176 2.46 1.60 24.62
N ALA B 177 3.39 2.31 23.99
CA ALA B 177 3.42 2.39 22.54
C ALA B 177 4.84 2.57 22.01
N LEU B 178 5.04 2.16 20.77
CA LEU B 178 6.34 2.33 20.14
C LEU B 178 6.12 3.08 18.83
N VAL B 179 7.09 3.92 18.49
CA VAL B 179 7.06 4.66 17.24
C VAL B 179 8.44 4.46 16.67
N SER B 180 8.53 4.16 15.38
CA SER B 180 9.82 3.98 14.74
C SER B 180 9.75 4.28 13.26
N ALA B 181 10.57 5.21 12.82
CA ALA B 181 10.57 5.59 11.42
C ALA B 181 11.94 5.45 10.77
N PHE B 182 11.97 4.79 9.62
CA PHE B 182 13.19 4.59 8.83
C PHE B 182 14.38 4.05 9.60
N CYS B 183 14.12 3.14 10.53
CA CYS B 183 15.21 2.58 11.28
C CYS B 183 15.48 1.14 10.90
N LEU B 184 14.61 0.24 11.34
CA LEU B 184 14.77 -1.19 11.07
C LEU B 184 15.32 -1.58 9.70
N GLU B 185 14.69 -1.11 8.62
CA GLU B 185 15.18 -1.51 7.31
C GLU B 185 16.50 -0.82 6.92
N ALA B 186 16.83 0.28 7.57
CA ALA B 186 18.06 0.99 7.23
C ALA B 186 19.27 0.49 8.00
N VAL B 187 19.08 -0.44 8.92
CA VAL B 187 20.18 -0.95 9.71
C VAL B 187 20.30 -2.47 9.73
N SER B 188 19.45 -3.14 8.96
CA SER B 188 19.45 -4.61 8.89
C SER B 188 20.06 -5.11 7.57
N PRO B 189 21.13 -5.92 7.66
CA PRO B 189 21.83 -6.50 6.50
C PRO B 189 20.89 -7.34 5.64
N ASP B 190 20.31 -8.37 6.26
CA ASP B 190 19.39 -9.27 5.58
C ASP B 190 17.99 -9.16 6.18
N LEU B 191 17.02 -9.80 5.52
CA LEU B 191 15.64 -9.79 5.98
C LEU B 191 15.49 -10.54 7.29
N ALA B 192 16.39 -11.48 7.56
CA ALA B 192 16.32 -12.24 8.79
C ALA B 192 16.66 -11.32 9.96
N SER B 193 17.58 -10.39 9.71
CA SER B 193 18.04 -9.43 10.71
C SER B 193 16.89 -8.47 11.05
N PHE B 194 16.20 -8.04 10.01
CA PHE B 194 15.05 -7.15 10.12
C PHE B 194 14.03 -7.79 11.06
N GLN B 195 13.74 -9.07 10.82
CA GLN B 195 12.80 -9.82 11.63
C GLN B 195 13.32 -9.87 13.08
N ARG B 196 14.60 -10.19 13.25
CA ARG B 196 15.14 -10.24 14.61
C ARG B 196 15.09 -8.87 15.30
N ALA B 197 15.43 -7.82 14.55
CA ALA B 197 15.41 -6.46 15.09
C ALA B 197 14.01 -6.11 15.60
N LEU B 198 12.99 -6.51 14.82
CA LEU B 198 11.59 -6.25 15.18
C LEU B 198 11.19 -7.01 16.44
N ASP B 199 11.69 -8.22 16.60
CA ASP B 199 11.35 -9.02 17.77
C ASP B 199 11.99 -8.43 19.00
N HIS B 200 13.16 -7.83 18.82
CA HIS B 200 13.87 -7.20 19.94
C HIS B 200 13.14 -5.96 20.48
N ILE B 201 12.73 -5.04 19.60
CA ILE B 201 12.04 -3.85 20.09
C ILE B 201 10.65 -4.21 20.61
N THR B 202 10.07 -5.27 20.06
CA THR B 202 8.76 -5.73 20.49
C THR B 202 8.75 -6.15 21.96
N THR B 203 9.90 -6.54 22.49
CA THR B 203 9.97 -6.94 23.89
C THR B 203 9.91 -5.73 24.80
N LEU B 204 9.90 -4.54 24.21
CA LEU B 204 9.85 -3.27 24.95
C LEU B 204 8.42 -2.75 25.04
N LEU B 205 7.53 -3.38 24.29
CA LEU B 205 6.12 -2.98 24.24
C LEU B 205 5.25 -3.94 25.03
N ARG B 206 4.31 -3.39 25.79
CA ARG B 206 3.43 -4.23 26.59
C ARG B 206 2.40 -4.92 25.72
N PRO B 207 1.84 -6.04 26.18
CA PRO B 207 0.84 -6.74 25.39
C PRO B 207 -0.35 -5.78 25.23
N GLY B 208 -0.95 -5.74 24.05
CA GLY B 208 -2.05 -4.83 23.86
C GLY B 208 -1.57 -3.47 23.36
N GLY B 209 -0.26 -3.24 23.49
CA GLY B 209 0.32 -1.98 23.05
C GLY B 209 0.33 -1.82 21.54
N HIS B 210 0.56 -0.60 21.09
CA HIS B 210 0.58 -0.32 19.65
C HIS B 210 1.94 0.08 19.13
N LEU B 211 2.17 -0.20 17.86
CA LEU B 211 3.42 0.16 17.19
C LEU B 211 3.12 0.96 15.93
N LEU B 212 3.78 2.11 15.80
CA LEU B 212 3.62 2.95 14.62
C LEU B 212 4.97 2.89 13.92
N LEU B 213 4.99 2.19 12.79
CA LEU B 213 6.20 1.98 12.02
C LEU B 213 6.11 2.59 10.63
N ILE B 214 7.12 3.38 10.29
CA ILE B 214 7.20 4.04 8.99
C ILE B 214 8.52 3.55 8.40
N GLY B 215 8.58 3.37 7.08
CA GLY B 215 9.81 2.91 6.50
C GLY B 215 9.90 3.01 5.00
N ALA B 216 11.09 2.77 4.47
CA ALA B 216 11.34 2.83 3.03
C ALA B 216 11.09 1.48 2.38
N LEU B 217 10.50 1.52 1.18
CA LEU B 217 10.20 0.32 0.42
C LEU B 217 11.12 0.22 -0.80
N GLU B 218 11.66 -0.97 -1.02
CA GLU B 218 12.55 -1.24 -2.15
C GLU B 218 13.73 -0.28 -2.19
N GLU B 219 14.37 -0.04 -1.06
CA GLU B 219 15.51 0.86 -1.02
C GLU B 219 16.79 0.08 -0.75
N SER B 220 17.86 0.44 -1.45
CA SER B 220 19.15 -0.24 -1.27
C SER B 220 20.23 0.71 -0.77
N TRP B 221 20.06 2.01 -1.01
CA TRP B 221 21.01 3.01 -0.54
C TRP B 221 20.40 4.40 -0.37
N TYR B 222 20.98 5.18 0.53
CA TYR B 222 20.55 6.55 0.77
C TYR B 222 21.79 7.26 1.29
N LEU B 223 21.83 8.58 1.14
CA LEU B 223 22.99 9.34 1.57
C LEU B 223 22.87 10.17 2.85
N ALA B 224 23.87 10.05 3.70
CA ALA B 224 23.94 10.81 4.94
C ALA B 224 25.25 11.61 4.88
N GLY B 225 25.38 12.43 3.84
CA GLY B 225 26.57 13.24 3.65
C GLY B 225 27.60 12.50 2.82
N GLU B 226 28.72 12.16 3.46
CA GLU B 226 29.78 11.43 2.78
C GLU B 226 29.25 10.01 2.61
N ALA B 227 28.45 9.60 3.60
CA ALA B 227 27.85 8.27 3.66
C ALA B 227 26.89 7.87 2.54
N ARG B 228 27.14 6.69 1.99
CA ARG B 228 26.33 6.07 0.95
C ARG B 228 25.93 4.77 1.63
N LEU B 229 25.05 4.88 2.62
CA LEU B 229 24.59 3.75 3.39
C LEU B 229 23.83 2.70 2.60
N THR B 230 24.26 1.45 2.75
CA THR B 230 23.64 0.34 2.07
C THR B 230 22.50 -0.18 2.93
N VAL B 231 21.32 -0.25 2.32
CA VAL B 231 20.09 -0.67 2.97
C VAL B 231 19.50 -1.94 2.34
N VAL B 232 18.76 -2.71 3.13
CA VAL B 232 18.11 -3.93 2.63
C VAL B 232 16.73 -3.57 2.10
N PRO B 233 16.47 -3.86 0.82
CA PRO B 233 15.17 -3.54 0.24
C PRO B 233 14.10 -4.51 0.72
N VAL B 234 13.00 -3.95 1.24
CA VAL B 234 11.89 -4.76 1.72
C VAL B 234 10.60 -4.29 1.07
N SER B 235 9.63 -5.19 0.96
CA SER B 235 8.36 -4.82 0.34
C SER B 235 7.26 -4.73 1.39
N GLU B 236 6.08 -4.33 0.94
CA GLU B 236 4.94 -4.23 1.84
C GLU B 236 4.71 -5.63 2.40
N GLU B 237 4.59 -6.61 1.51
CA GLU B 237 4.38 -8.02 1.89
C GLU B 237 5.35 -8.51 2.97
N GLU B 238 6.63 -8.22 2.81
CA GLU B 238 7.62 -8.63 3.79
C GLU B 238 7.44 -7.93 5.15
N VAL B 239 7.02 -6.67 5.14
CA VAL B 239 6.80 -5.92 6.39
C VAL B 239 5.58 -6.49 7.11
N ARG B 240 4.51 -6.72 6.35
CA ARG B 240 3.29 -7.28 6.90
C ARG B 240 3.65 -8.61 7.53
N GLU B 241 4.28 -9.48 6.74
CA GLU B 241 4.68 -10.80 7.19
C GLU B 241 5.49 -10.75 8.47
N ALA B 242 6.46 -9.83 8.52
CA ALA B 242 7.30 -9.72 9.72
C ALA B 242 6.49 -9.28 10.93
N LEU B 243 5.56 -8.37 10.72
CA LEU B 243 4.74 -7.88 11.82
C LEU B 243 3.93 -9.02 12.44
N VAL B 244 3.33 -9.85 11.61
CA VAL B 244 2.55 -10.98 12.10
C VAL B 244 3.47 -12.00 12.79
N ARG B 245 4.65 -12.21 12.21
CA ARG B 245 5.61 -13.15 12.77
C ARG B 245 6.12 -12.70 14.14
N SER B 246 5.95 -11.42 14.46
CA SER B 246 6.40 -10.92 15.76
C SER B 246 5.29 -10.86 16.79
N GLY B 247 4.07 -11.24 16.39
CA GLY B 247 2.97 -11.23 17.33
C GLY B 247 2.04 -10.02 17.29
N TYR B 248 1.97 -9.38 16.14
CA TYR B 248 1.12 -8.20 15.99
C TYR B 248 -0.05 -8.49 15.08
N LYS B 249 -1.13 -7.74 15.26
CA LYS B 249 -2.27 -7.83 14.37
C LYS B 249 -2.09 -6.51 13.62
N VAL B 250 -2.02 -6.56 12.30
CA VAL B 250 -1.85 -5.35 11.52
C VAL B 250 -3.19 -4.64 11.48
N ARG B 251 -3.24 -3.44 12.05
CA ARG B 251 -4.46 -2.64 12.10
C ARG B 251 -4.59 -1.75 10.88
N ASP B 252 -3.46 -1.39 10.29
CA ASP B 252 -3.47 -0.53 9.12
C ASP B 252 -2.09 -0.57 8.48
N LEU B 253 -2.07 -0.65 7.15
CA LEU B 253 -0.82 -0.68 6.41
C LEU B 253 -1.02 0.09 5.12
N ARG B 254 -0.49 1.31 5.09
CA ARG B 254 -0.64 2.17 3.92
C ARG B 254 0.70 2.33 3.20
N THR B 255 0.63 2.53 1.89
CA THR B 255 1.81 2.70 1.07
C THR B 255 1.79 3.98 0.27
N TYR B 256 2.95 4.61 0.19
CA TYR B 256 3.10 5.85 -0.53
C TYR B 256 4.12 5.59 -1.62
N ILE B 257 3.74 5.84 -2.87
CA ILE B 257 4.67 5.66 -3.98
C ILE B 257 5.42 6.96 -4.22
N MET B 258 6.75 6.88 -4.16
CA MET B 258 7.60 8.06 -4.35
C MET B 258 7.48 8.62 -5.76
N PRO B 259 7.01 9.87 -5.88
CA PRO B 259 6.84 10.54 -7.18
C PRO B 259 8.18 10.80 -7.86
N ALA B 260 8.16 10.93 -9.18
CA ALA B 260 9.37 11.18 -9.94
C ALA B 260 10.09 12.43 -9.47
N HIS B 261 9.33 13.50 -9.25
CA HIS B 261 9.93 14.77 -8.82
C HIS B 261 10.55 14.73 -7.42
N LEU B 262 10.26 13.67 -6.67
CA LEU B 262 10.82 13.56 -5.32
C LEU B 262 12.01 12.59 -5.26
N GLN B 263 12.41 12.09 -6.41
CA GLN B 263 13.54 11.17 -6.49
C GLN B 263 14.75 12.04 -6.82
N THR B 264 15.21 12.77 -5.80
CA THR B 264 16.33 13.71 -5.91
C THR B 264 17.73 13.15 -6.05
N GLY B 265 17.88 11.83 -5.89
CA GLY B 265 19.22 11.25 -6.00
C GLY B 265 19.89 11.09 -4.65
N VAL B 266 19.13 11.31 -3.58
CA VAL B 266 19.66 11.17 -2.23
C VAL B 266 19.52 9.70 -1.83
N ASP B 267 18.71 8.96 -2.60
CA ASP B 267 18.47 7.54 -2.35
C ASP B 267 17.76 6.93 -3.57
N ASP B 268 17.42 5.65 -3.48
CA ASP B 268 16.71 4.99 -4.58
C ASP B 268 15.39 4.40 -4.08
N VAL B 269 14.82 5.02 -3.06
CA VAL B 269 13.57 4.54 -2.49
C VAL B 269 12.46 4.63 -3.53
N LYS B 270 11.61 3.61 -3.57
CA LYS B 270 10.50 3.56 -4.53
C LYS B 270 9.19 3.95 -3.86
N GLY B 271 9.13 3.76 -2.56
CA GLY B 271 7.93 4.08 -1.81
C GLY B 271 8.18 4.09 -0.32
N VAL B 272 7.16 4.44 0.44
CA VAL B 272 7.26 4.51 1.90
C VAL B 272 6.06 3.78 2.50
N PHE B 273 6.28 2.99 3.53
CA PHE B 273 5.16 2.30 4.15
C PHE B 273 4.89 2.88 5.52
N PHE B 274 3.65 2.70 5.98
CA PHE B 274 3.21 3.14 7.29
C PHE B 274 2.40 1.99 7.80
N ALA B 275 2.79 1.50 8.97
CA ALA B 275 2.10 0.39 9.56
C ALA B 275 1.66 0.69 10.98
N TRP B 276 0.41 0.37 11.26
CA TRP B 276 -0.14 0.51 12.59
C TRP B 276 -0.45 -0.93 13.00
N ALA B 277 0.33 -1.46 13.92
CA ALA B 277 0.17 -2.83 14.40
C ALA B 277 -0.03 -2.83 15.91
N GLN B 278 -0.80 -3.79 16.41
CA GLN B 278 -1.05 -3.90 17.84
C GLN B 278 -0.54 -5.24 18.33
N LYS B 279 0.29 -5.21 19.37
CA LYS B 279 0.87 -6.42 19.92
C LYS B 279 -0.21 -7.32 20.54
N VAL B 280 -0.25 -8.58 20.12
CA VAL B 280 -1.22 -9.56 20.62
C VAL B 280 -0.76 -10.19 21.93
#